data_9C25
#
_entry.id   9C25
#
_cell.length_a   39.332
_cell.length_b   77.085
_cell.length_c   81.216
_cell.angle_alpha   90.000
_cell.angle_beta   90.000
_cell.angle_gamma   90.000
#
_symmetry.space_group_name_H-M   'P 2 21 21'
#
loop_
_entity.id
_entity.type
_entity.pdbx_description
1 polymer 'Cyan thermostable protein 1.0'
2 non-polymer GLYCEROL
3 water water
#
_entity_poly.entity_id   1
_entity_poly.type   'polypeptide(L)'
_entity_poly.pdbx_seq_one_letter_code
;MGAHASVIKPEMKIKLRMEGAVNGHKFVIEGEGIGKPYEGTQTLDLTVEEGAPLPFSYDILTPAF(4M9)NRAFTKYPED
IPDYFKQAFPEGYSWERSMTYEDQGICIATSDITMEGDCFFYEIRFDGTNFPPNGPVMQKKTLKLIDATEKMYVEDGVLK
GDVEMALLLEGGGHYRCDFKTTYKAKKDVRLPDAHEVDHRTEILSHDKDYNKVRLYEHAEARYSGGGSGGGASGKPIPNP
LLGLDSTHHHHHH
;
_entity_poly.pdbx_strand_id   A
#
loop_
_chem_comp.id
_chem_comp.type
_chem_comp.name
_chem_comp.formula
GOL non-polymer GLYCEROL 'C3 H8 O3'
#
# COMPACT_ATOMS: atom_id res chain seq x y z
N SER A 6 9.95 0.70 -23.46
CA SER A 6 9.84 1.09 -22.06
C SER A 6 10.62 0.17 -21.13
N VAL A 7 11.20 0.75 -20.08
CA VAL A 7 11.91 -0.06 -19.09
C VAL A 7 10.95 -0.88 -18.23
N ILE A 8 9.66 -0.56 -18.25
CA ILE A 8 8.67 -1.32 -17.51
C ILE A 8 8.24 -2.49 -18.39
N LYS A 9 8.72 -3.68 -18.06
CA LYS A 9 8.45 -4.88 -18.84
C LYS A 9 7.08 -5.46 -18.51
N PRO A 10 6.54 -6.31 -19.39
CA PRO A 10 5.21 -6.88 -19.13
C PRO A 10 5.12 -7.68 -17.84
N GLU A 11 6.24 -8.28 -17.40
CA GLU A 11 6.34 -8.91 -16.10
C GLU A 11 7.49 -8.25 -15.34
N MET A 12 7.21 -7.79 -14.12
CA MET A 12 8.26 -7.20 -13.32
C MET A 12 8.30 -7.89 -11.97
N LYS A 13 9.52 -8.13 -11.50
CA LYS A 13 9.70 -8.69 -10.17
C LYS A 13 9.70 -7.57 -9.13
N ILE A 14 9.60 -7.97 -7.87
CA ILE A 14 9.52 -7.07 -6.74
C ILE A 14 10.40 -7.59 -5.63
N LYS A 15 11.16 -6.70 -4.99
CA LYS A 15 11.85 -6.95 -3.74
C LYS A 15 11.62 -5.76 -2.82
N LEU A 16 11.33 -6.04 -1.55
CA LEU A 16 11.03 -4.93 -0.64
C LEU A 16 11.50 -5.25 0.76
N ARG A 17 11.71 -4.18 1.53
CA ARG A 17 11.96 -4.29 2.97
C ARG A 17 11.17 -3.19 3.67
N MET A 18 10.39 -3.57 4.67
CA MET A 18 9.64 -2.65 5.51
C MET A 18 10.19 -2.68 6.92
N GLU A 19 10.47 -1.52 7.48
N GLU A 19 10.46 -1.52 7.48
CA GLU A 19 10.82 -1.42 8.88
CA GLU A 19 10.86 -1.38 8.88
C GLU A 19 9.85 -0.47 9.57
C GLU A 19 9.87 -0.45 9.58
N GLY A 20 9.53 -0.75 10.83
CA GLY A 20 8.62 0.13 11.52
C GLY A 20 8.25 -0.35 12.89
N ALA A 21 7.18 0.27 13.40
CA ALA A 21 6.73 0.03 14.77
C ALA A 21 5.28 0.42 14.87
N VAL A 22 4.49 -0.41 15.54
CA VAL A 22 3.08 -0.13 15.77
C VAL A 22 2.81 -0.28 17.26
N ASN A 23 2.30 0.78 17.89
CA ASN A 23 1.92 0.74 19.32
C ASN A 23 3.07 0.17 20.16
N GLY A 24 4.29 0.57 19.83
CA GLY A 24 5.45 0.15 20.60
C GLY A 24 6.12 -1.11 20.14
N HIS A 25 5.52 -1.84 19.19
CA HIS A 25 6.06 -3.12 18.72
C HIS A 25 6.86 -2.91 17.45
N LYS A 26 8.17 -3.09 17.55
N LYS A 26 8.17 -3.14 17.52
CA LYS A 26 9.07 -2.99 16.39
CA LYS A 26 9.06 -2.93 16.38
C LYS A 26 8.95 -4.21 15.50
C LYS A 26 9.18 -4.19 15.53
N PHE A 27 9.22 -4.01 14.21
CA PHE A 27 9.22 -5.15 13.29
C PHE A 27 9.91 -4.80 11.98
N VAL A 28 10.27 -5.88 11.28
CA VAL A 28 10.81 -5.85 9.93
C VAL A 28 10.11 -6.92 9.12
N ILE A 29 9.69 -6.57 7.90
CA ILE A 29 9.08 -7.54 6.99
C ILE A 29 9.79 -7.39 5.66
N GLU A 30 10.18 -8.52 5.07
CA GLU A 30 10.76 -8.48 3.73
C GLU A 30 9.84 -9.17 2.75
N GLY A 31 10.00 -8.86 1.48
CA GLY A 31 9.09 -9.40 0.49
C GLY A 31 9.73 -9.60 -0.86
N GLU A 32 9.21 -10.60 -1.57
CA GLU A 32 9.57 -10.85 -2.96
C GLU A 32 8.31 -11.21 -3.72
N GLY A 33 8.20 -10.72 -4.95
CA GLY A 33 7.02 -11.05 -5.71
C GLY A 33 7.19 -10.78 -7.19
N ILE A 34 6.06 -10.78 -7.88
CA ILE A 34 6.06 -10.55 -9.32
C ILE A 34 4.67 -10.04 -9.71
N GLY A 35 4.62 -9.27 -10.79
CA GLY A 35 3.35 -8.78 -11.25
C GLY A 35 3.40 -8.37 -12.71
N LYS A 36 2.24 -7.92 -13.19
CA LYS A 36 2.03 -7.49 -14.57
C LYS A 36 1.59 -6.03 -14.54
N PRO A 37 2.53 -5.11 -14.77
CA PRO A 37 2.25 -3.68 -14.56
C PRO A 37 1.18 -3.12 -15.47
N TYR A 38 1.12 -3.62 -16.71
CA TYR A 38 0.10 -3.16 -17.64
C TYR A 38 -1.25 -3.82 -17.43
N GLU A 39 -1.32 -4.89 -16.64
CA GLU A 39 -2.59 -5.47 -16.24
C GLU A 39 -3.01 -5.02 -14.86
N GLY A 40 -2.16 -4.28 -14.16
CA GLY A 40 -2.49 -3.84 -12.82
C GLY A 40 -2.58 -4.94 -11.79
N THR A 41 -1.84 -6.04 -11.98
CA THR A 41 -1.96 -7.15 -11.02
C THR A 41 -0.60 -7.49 -10.45
N GLN A 42 -0.60 -8.03 -9.22
CA GLN A 42 0.66 -8.44 -8.60
C GLN A 42 0.41 -9.33 -7.40
N THR A 43 1.43 -10.17 -7.10
CA THR A 43 1.44 -11.09 -5.97
C THR A 43 2.79 -10.97 -5.25
N LEU A 44 2.72 -10.85 -3.92
CA LEU A 44 3.88 -10.72 -3.07
C LEU A 44 3.89 -11.80 -2.01
N ASP A 45 5.07 -12.37 -1.74
CA ASP A 45 5.28 -13.25 -0.61
C ASP A 45 6.09 -12.47 0.43
N LEU A 46 5.50 -12.28 1.61
CA LEU A 46 6.04 -11.45 2.66
C LEU A 46 6.40 -12.32 3.86
N THR A 47 7.53 -11.98 4.49
CA THR A 47 8.04 -12.73 5.65
CA THR A 47 8.05 -12.73 5.64
C THR A 47 8.39 -11.76 6.76
N VAL A 48 7.88 -12.02 7.96
CA VAL A 48 8.29 -11.24 9.12
C VAL A 48 9.69 -11.70 9.55
N GLU A 49 10.67 -10.80 9.46
CA GLU A 49 12.06 -11.11 9.78
C GLU A 49 12.47 -10.64 11.18
N GLU A 50 11.80 -9.64 11.74
CA GLU A 50 12.01 -9.20 13.12
C GLU A 50 10.65 -8.85 13.70
N GLY A 51 10.46 -9.15 14.99
CA GLY A 51 9.23 -8.82 15.67
C GLY A 51 8.13 -9.85 15.55
N ALA A 52 8.46 -11.06 15.11
CA ALA A 52 7.42 -12.09 15.02
C ALA A 52 7.12 -12.65 16.41
N PRO A 53 5.86 -12.99 16.68
CA PRO A 53 4.68 -12.80 15.84
C PRO A 53 4.10 -11.39 15.98
N LEU A 54 3.58 -10.79 14.91
CA LEU A 54 3.01 -9.47 15.05
C LEU A 54 1.77 -9.51 15.94
N PRO A 55 1.62 -8.55 16.86
CA PRO A 55 0.45 -8.52 17.73
C PRO A 55 -0.74 -7.73 17.18
N PHE A 56 -0.65 -7.25 15.95
CA PHE A 56 -1.67 -6.36 15.40
C PHE A 56 -2.13 -6.87 14.04
N SER A 57 -3.27 -6.37 13.60
CA SER A 57 -3.88 -6.76 12.33
C SER A 57 -2.93 -6.55 11.16
N TYR A 58 -2.71 -7.61 10.37
CA TYR A 58 -1.90 -7.46 9.16
C TYR A 58 -2.57 -6.55 8.14
N ASP A 59 -3.88 -6.34 8.23
CA ASP A 59 -4.58 -5.57 7.21
C ASP A 59 -4.23 -4.08 7.27
N ILE A 60 -3.62 -3.60 8.35
CA ILE A 60 -3.18 -2.20 8.34
C ILE A 60 -1.91 -2.03 7.54
N LEU A 61 -1.26 -3.13 7.13
CA LEU A 61 -0.01 -3.04 6.40
C LEU A 61 -0.16 -3.19 4.89
N THR A 62 -1.28 -3.72 4.40
CA THR A 62 -1.20 -4.27 3.04
C THR A 62 -1.13 -3.19 1.96
N PRO A 63 -1.77 -2.04 2.10
CA PRO A 63 -1.51 -0.96 1.12
C PRO A 63 -0.09 -0.43 1.14
N ALA A 64 0.68 -0.65 2.20
CA ALA A 64 2.07 -0.19 2.20
C ALA A 64 2.96 -1.10 1.37
N PHE A 65 2.68 -2.40 1.34
CA PHE A 65 3.42 -3.30 0.45
C PHE A 65 3.01 -3.05 -0.99
O2 4M9 A 66 0.38 2.04 -2.63
C2 4M9 A 66 0.10 0.85 -2.60
N3 4M9 A 66 1.01 -0.19 -2.46
CA3 4M9 A 66 2.43 0.04 -2.25
C3 4M9 A 66 3.22 0.40 -3.50
O3 4M9 A 66 4.33 0.95 -3.33
CA2 4M9 A 66 -1.22 0.19 -2.51
N2 4M9 A 66 -1.03 -1.20 -2.56
C1 4M9 A 66 0.32 -1.37 -2.45
CA1 4M9 A 66 0.77 -2.69 -2.31
N1 4M9 A 66 1.65 -2.89 -1.35
CB1 4M9 A 66 0.04 -3.85 -2.92
CG 4M9 A 66 0.90 -5.12 -2.88
CB2 4M9 A 66 -2.40 0.81 -2.36
CG2 4M9 A 66 -3.65 0.19 -2.06
CD1 4M9 A 66 -3.97 -1.15 -2.00
NE1 4M9 A 66 -5.26 -1.30 -1.63
CE2 4M9 A 66 -5.82 -0.06 -1.40
CD2 4M9 A 66 -4.83 0.91 -1.65
CZ2 4M9 A 66 -7.11 0.28 -1.01
CH2 4M9 A 66 -7.39 1.63 -0.85
CZ3 4M9 A 66 -6.43 2.60 -1.10
CE3 4M9 A 66 -5.15 2.26 -1.50
CD 4M9 A 66 0.10 -6.39 -3.12
N4 4M9 A 66 0.76 -7.39 -3.71
O5 4M9 A 66 -1.08 -6.49 -2.79
N ASN A 67 2.69 0.04 -4.77
CA ASN A 67 3.44 0.50 -5.93
C ASN A 67 2.49 0.68 -7.10
N ARG A 68 2.05 1.92 -7.32
CA ARG A 68 1.08 2.20 -8.36
C ARG A 68 1.63 2.01 -9.78
N ALA A 69 2.90 1.63 -9.95
CA ALA A 69 3.32 1.14 -11.26
C ALA A 69 2.51 -0.08 -11.68
N PHE A 70 1.99 -0.84 -10.71
CA PHE A 70 1.10 -1.97 -10.98
C PHE A 70 -0.35 -1.48 -11.00
N THR A 71 -0.65 -0.66 -12.02
CA THR A 71 -2.01 -0.15 -12.24
C THR A 71 -2.25 -0.18 -13.73
N LYS A 72 -3.39 -0.70 -14.15
CA LYS A 72 -3.76 -0.67 -15.55
C LYS A 72 -4.25 0.75 -15.89
N TYR A 73 -3.46 1.48 -16.69
CA TYR A 73 -3.79 2.85 -17.06
C TYR A 73 -4.31 2.90 -18.48
N PRO A 74 -5.50 3.45 -18.70
CA PRO A 74 -5.99 3.65 -20.08
C PRO A 74 -5.03 4.54 -20.84
N GLU A 75 -5.01 4.36 -22.17
CA GLU A 75 -4.12 5.14 -23.00
C GLU A 75 -4.34 6.65 -22.85
N ASP A 76 -5.55 7.07 -22.53
CA ASP A 76 -5.87 8.49 -22.51
C ASP A 76 -5.76 9.12 -21.12
N ILE A 77 -5.17 8.42 -20.16
CA ILE A 77 -4.80 9.04 -18.88
C ILE A 77 -3.30 8.88 -18.71
N PRO A 78 -2.53 9.97 -18.67
CA PRO A 78 -1.08 9.83 -18.46
C PRO A 78 -0.80 9.02 -17.20
N ASP A 79 0.21 8.16 -17.32
CA ASP A 79 0.60 7.20 -16.27
C ASP A 79 1.78 7.80 -15.52
N TYR A 80 1.48 8.49 -14.42
CA TYR A 80 2.50 9.17 -13.63
C TYR A 80 3.61 8.20 -13.19
N PHE A 81 3.20 6.98 -12.81
CA PHE A 81 4.10 6.03 -12.18
C PHE A 81 5.03 5.35 -13.18
N LYS A 82 4.48 4.82 -14.27
CA LYS A 82 5.36 4.19 -15.25
C LYS A 82 6.27 5.22 -15.91
N GLN A 83 5.76 6.42 -16.15
CA GLN A 83 6.61 7.47 -16.71
C GLN A 83 7.81 7.76 -15.82
N ALA A 84 7.64 7.64 -14.49
CA ALA A 84 8.74 8.00 -13.58
C ALA A 84 9.98 7.09 -13.70
N PHE A 85 9.90 5.93 -14.33
CA PHE A 85 11.04 5.04 -14.33
C PHE A 85 11.92 5.30 -15.56
N PRO A 86 13.18 4.85 -15.53
CA PRO A 86 13.83 3.99 -14.52
C PRO A 86 14.18 4.69 -13.20
N GLU A 87 14.20 6.02 -13.16
CA GLU A 87 14.61 6.71 -11.93
C GLU A 87 13.74 6.31 -10.76
N GLY A 88 12.42 6.33 -10.93
CA GLY A 88 11.49 5.87 -9.93
C GLY A 88 10.75 7.00 -9.24
N TYR A 89 10.18 6.68 -8.08
CA TYR A 89 9.37 7.67 -7.40
C TYR A 89 9.30 7.27 -5.93
N SER A 90 8.77 8.16 -5.10
CA SER A 90 8.52 7.84 -3.69
C SER A 90 7.09 8.21 -3.36
N TRP A 91 6.62 7.71 -2.22
CA TRP A 91 5.33 8.18 -1.74
C TRP A 91 5.36 8.33 -0.23
N GLU A 92 4.47 9.20 0.25
CA GLU A 92 4.31 9.53 1.66
C GLU A 92 2.82 9.47 1.99
N ARG A 93 2.46 8.85 3.10
CA ARG A 93 1.05 8.54 3.32
C ARG A 93 0.67 8.71 4.79
N SER A 94 -0.46 9.36 5.00
N SER A 94 -0.49 9.33 5.00
CA SER A 94 -1.08 9.45 6.32
CA SER A 94 -1.11 9.48 6.31
C SER A 94 -2.36 8.62 6.33
C SER A 94 -2.40 8.67 6.35
N MET A 95 -2.61 7.95 7.45
CA MET A 95 -3.75 7.07 7.60
C MET A 95 -4.34 7.35 8.98
N THR A 96 -5.52 7.95 9.03
CA THR A 96 -6.17 8.26 10.29
CA THR A 96 -6.16 8.27 10.30
C THR A 96 -7.40 7.39 10.45
N TYR A 97 -7.38 6.51 11.45
CA TYR A 97 -8.47 5.59 11.70
C TYR A 97 -9.52 6.21 12.61
N GLU A 98 -10.75 5.68 12.51
CA GLU A 98 -11.89 6.30 13.18
C GLU A 98 -11.78 6.27 14.70
N ASP A 99 -10.98 5.37 15.28
CA ASP A 99 -10.82 5.33 16.72
C ASP A 99 -9.51 5.98 17.17
N GLN A 100 -8.94 6.83 16.33
CA GLN A 100 -7.77 7.68 16.58
C GLN A 100 -6.43 6.95 16.55
N GLY A 101 -6.39 5.67 16.19
CA GLY A 101 -5.14 5.12 15.73
C GLY A 101 -4.71 5.85 14.47
N ILE A 102 -3.40 6.11 14.35
N ILE A 102 -3.40 6.09 14.36
CA ILE A 102 -2.91 6.82 13.17
CA ILE A 102 -2.82 6.84 13.25
C ILE A 102 -1.60 6.20 12.73
C ILE A 102 -1.63 6.06 12.73
N CYS A 103 -1.40 6.15 11.40
CA CYS A 103 -0.21 5.58 10.81
C CYS A 103 0.38 6.54 9.79
N ILE A 104 1.70 6.50 9.67
N ILE A 104 1.69 6.54 9.69
CA ILE A 104 2.44 7.20 8.63
CA ILE A 104 2.45 7.19 8.63
C ILE A 104 3.34 6.18 7.93
C ILE A 104 3.31 6.15 7.94
N ALA A 105 3.28 6.16 6.61
CA ALA A 105 4.12 5.25 5.85
C ALA A 105 4.80 5.98 4.71
N THR A 106 6.00 5.53 4.36
CA THR A 106 6.72 6.06 3.21
C THR A 106 7.33 4.91 2.44
N SER A 107 7.54 5.14 1.14
CA SER A 107 8.21 4.14 0.33
C SER A 107 9.05 4.83 -0.73
N ASP A 108 10.29 4.38 -0.87
CA ASP A 108 11.16 4.82 -1.94
C ASP A 108 11.29 3.67 -2.93
N ILE A 109 10.89 3.91 -4.18
CA ILE A 109 10.77 2.87 -5.19
C ILE A 109 11.75 3.14 -6.33
N THR A 110 12.64 2.17 -6.55
CA THR A 110 13.66 2.19 -7.59
C THR A 110 13.53 0.92 -8.41
N MET A 111 14.32 0.82 -9.48
CA MET A 111 14.32 -0.43 -10.24
C MET A 111 15.71 -0.71 -10.78
N GLU A 112 15.98 -2.00 -10.96
CA GLU A 112 17.19 -2.48 -11.60
C GLU A 112 16.79 -3.66 -12.47
N GLY A 113 17.16 -3.62 -13.74
CA GLY A 113 16.78 -4.70 -14.62
C GLY A 113 15.27 -4.85 -14.65
N ASP A 114 14.81 -6.07 -14.39
CA ASP A 114 13.38 -6.36 -14.39
C ASP A 114 12.80 -6.40 -12.97
N CYS A 115 13.34 -5.61 -12.05
CA CYS A 115 12.90 -5.72 -10.66
C CYS A 115 12.73 -4.35 -10.03
N PHE A 116 11.57 -4.13 -9.40
CA PHE A 116 11.36 -3.00 -8.51
C PHE A 116 11.91 -3.31 -7.12
N PHE A 117 12.42 -2.28 -6.47
CA PHE A 117 12.89 -2.36 -5.09
C PHE A 117 12.20 -1.28 -4.27
N TYR A 118 11.62 -1.70 -3.14
CA TYR A 118 10.96 -0.77 -2.21
C TYR A 118 11.70 -0.73 -0.88
N GLU A 119 11.98 0.50 -0.43
CA GLU A 119 12.39 0.76 0.95
C GLU A 119 11.21 1.43 1.67
N ILE A 120 10.56 0.69 2.58
CA ILE A 120 9.32 1.12 3.22
C ILE A 120 9.56 1.40 4.71
N ARG A 121 8.99 2.49 5.18
CA ARG A 121 8.91 2.81 6.60
C ARG A 121 7.45 2.82 7.00
N PHE A 122 7.13 2.17 8.12
CA PHE A 122 5.74 2.13 8.57
C PHE A 122 5.68 2.36 10.07
N ASP A 123 4.98 3.41 10.50
CA ASP A 123 4.82 3.67 11.92
C ASP A 123 3.35 3.89 12.25
N GLY A 124 2.87 3.27 13.32
CA GLY A 124 1.50 3.47 13.76
C GLY A 124 1.46 3.63 15.27
N THR A 125 0.48 4.38 15.74
CA THR A 125 0.39 4.63 17.18
C THR A 125 -1.04 4.96 17.58
N ASN A 126 -1.28 4.93 18.90
CA ASN A 126 -2.52 5.33 19.53
C ASN A 126 -3.68 4.41 19.17
N PHE A 127 -3.41 3.19 18.75
CA PHE A 127 -4.50 2.23 18.58
C PHE A 127 -5.01 1.78 19.95
N PRO A 128 -6.32 1.81 20.18
CA PRO A 128 -6.85 1.33 21.47
C PRO A 128 -6.42 -0.10 21.72
N PRO A 129 -5.87 -0.41 22.90
CA PRO A 129 -5.37 -1.76 23.13
C PRO A 129 -6.42 -2.85 22.98
N ASN A 130 -7.70 -2.52 23.11
CA ASN A 130 -8.76 -3.49 22.94
C ASN A 130 -9.54 -3.27 21.65
N GLY A 131 -9.03 -2.44 20.73
CA GLY A 131 -9.70 -2.19 19.48
C GLY A 131 -9.39 -3.26 18.46
N PRO A 132 -9.99 -3.11 17.27
CA PRO A 132 -9.89 -4.19 16.26
C PRO A 132 -8.49 -4.40 15.72
N VAL A 133 -7.65 -3.36 15.70
CA VAL A 133 -6.30 -3.56 15.20
C VAL A 133 -5.47 -4.39 16.16
N MET A 134 -5.44 -3.98 17.44
CA MET A 134 -4.59 -4.68 18.40
C MET A 134 -5.20 -6.00 18.85
N GLN A 135 -6.47 -6.24 18.57
CA GLN A 135 -7.12 -7.50 18.89
C GLN A 135 -7.28 -8.39 17.66
N LYS A 136 -6.74 -7.97 16.53
CA LYS A 136 -6.76 -8.76 15.28
C LYS A 136 -8.18 -9.20 14.94
N LYS A 137 -9.09 -8.23 14.84
CA LYS A 137 -10.50 -8.48 14.52
C LYS A 137 -10.88 -7.99 13.13
N THR A 138 -9.90 -7.67 12.28
CA THR A 138 -10.19 -7.28 10.91
C THR A 138 -10.14 -8.52 10.02
N LEU A 139 -11.02 -8.55 9.02
CA LEU A 139 -11.11 -9.63 8.05
C LEU A 139 -10.40 -9.29 6.75
N LYS A 140 -10.56 -8.07 6.23
CA LYS A 140 -10.05 -7.71 4.92
C LYS A 140 -10.19 -6.21 4.70
N LEU A 141 -9.52 -5.73 3.65
N LEU A 141 -9.47 -5.72 3.69
CA LEU A 141 -9.70 -4.39 3.13
CA LEU A 141 -9.75 -4.41 3.13
C LEU A 141 -10.86 -4.39 2.12
C LEU A 141 -10.95 -4.49 2.21
N ILE A 142 -11.86 -3.55 2.35
CA ILE A 142 -12.99 -3.45 1.43
C ILE A 142 -12.53 -2.75 0.16
N ASP A 143 -12.95 -3.28 -1.00
CA ASP A 143 -12.58 -2.67 -2.27
C ASP A 143 -12.81 -1.18 -2.23
N ALA A 144 -11.85 -0.41 -2.76
CA ALA A 144 -11.93 1.04 -2.56
C ALA A 144 -11.51 1.79 -3.80
N THR A 145 -11.98 3.03 -3.93
CA THR A 145 -11.63 3.91 -5.03
C THR A 145 -10.79 5.06 -4.51
N GLU A 146 -9.60 5.23 -5.10
CA GLU A 146 -8.67 6.30 -4.75
C GLU A 146 -8.84 7.45 -5.74
N LYS A 147 -9.10 8.66 -5.24
CA LYS A 147 -9.25 9.85 -6.09
C LYS A 147 -7.89 10.49 -6.29
N MET A 148 -7.41 10.48 -7.53
CA MET A 148 -6.10 11.01 -7.90
C MET A 148 -6.26 12.42 -8.47
N TYR A 149 -5.35 13.30 -8.07
CA TYR A 149 -5.39 14.67 -8.58
C TYR A 149 -4.03 15.33 -8.37
N VAL A 150 -3.69 16.27 -9.25
CA VAL A 150 -2.39 16.93 -9.17
C VAL A 150 -2.53 18.15 -8.26
N GLU A 151 -1.51 18.33 -7.42
CA GLU A 151 -1.48 19.46 -6.49
C GLU A 151 -0.01 19.69 -6.13
N ASP A 152 0.40 20.96 -6.08
CA ASP A 152 1.79 21.30 -5.77
C ASP A 152 2.76 20.58 -6.71
N GLY A 153 2.37 20.38 -7.96
CA GLY A 153 3.25 19.77 -8.93
C GLY A 153 3.45 18.28 -8.80
N VAL A 154 2.75 17.62 -7.87
CA VAL A 154 2.91 16.18 -7.65
C VAL A 154 1.53 15.53 -7.69
N LEU A 155 1.48 14.20 -7.60
CA LEU A 155 0.20 13.50 -7.70
C LEU A 155 -0.26 13.13 -6.30
N LYS A 156 -1.50 13.45 -5.96
CA LYS A 156 -2.06 13.11 -4.68
C LYS A 156 -3.16 12.06 -4.86
N GLY A 157 -3.35 11.24 -3.84
CA GLY A 157 -4.46 10.30 -3.83
C GLY A 157 -5.18 10.32 -2.51
N ASP A 158 -6.51 10.47 -2.53
CA ASP A 158 -7.32 10.50 -1.32
C ASP A 158 -8.26 9.31 -1.33
N VAL A 159 -8.39 8.64 -0.18
CA VAL A 159 -9.19 7.43 -0.07
C VAL A 159 -9.98 7.49 1.23
N GLU A 160 -11.29 7.28 1.15
CA GLU A 160 -12.08 7.03 2.35
C GLU A 160 -12.31 5.53 2.35
N MET A 161 -11.46 4.79 3.05
CA MET A 161 -11.52 3.35 2.94
C MET A 161 -11.94 2.72 4.25
N ALA A 162 -12.19 1.42 4.22
CA ALA A 162 -12.70 0.74 5.39
C ALA A 162 -12.17 -0.68 5.40
N LEU A 163 -11.89 -1.17 6.60
CA LEU A 163 -11.60 -2.58 6.84
CA LEU A 163 -11.60 -2.58 6.84
C LEU A 163 -12.86 -3.26 7.36
N LEU A 164 -13.13 -4.45 6.85
CA LEU A 164 -14.25 -5.23 7.33
C LEU A 164 -13.87 -5.89 8.65
N LEU A 165 -14.78 -5.86 9.62
CA LEU A 165 -14.50 -6.44 10.93
C LEU A 165 -15.26 -7.75 11.11
N GLU A 166 -14.71 -8.62 11.95
CA GLU A 166 -15.50 -9.74 12.43
C GLU A 166 -16.81 -9.22 13.01
N GLY A 167 -17.92 -9.79 12.55
CA GLY A 167 -19.23 -9.32 12.94
C GLY A 167 -19.86 -8.35 11.96
N GLY A 168 -19.14 -7.91 10.94
CA GLY A 168 -19.73 -7.19 9.82
C GLY A 168 -19.59 -5.69 9.85
N GLY A 169 -19.13 -5.11 10.96
CA GLY A 169 -18.94 -3.67 11.00
C GLY A 169 -17.79 -3.21 10.12
N HIS A 170 -17.80 -1.92 9.80
CA HIS A 170 -16.74 -1.29 9.02
C HIS A 170 -15.88 -0.44 9.95
N TYR A 171 -14.58 -0.48 9.73
CA TYR A 171 -13.59 0.24 10.53
C TYR A 171 -12.92 1.20 9.56
N ARG A 172 -13.23 2.49 9.69
CA ARG A 172 -12.93 3.45 8.64
CA ARG A 172 -12.93 3.47 8.66
C ARG A 172 -11.56 4.11 8.83
N CYS A 173 -10.96 4.48 7.71
CA CYS A 173 -9.65 5.12 7.68
C CYS A 173 -9.63 6.14 6.55
N ASP A 174 -9.17 7.35 6.87
CA ASP A 174 -8.92 8.35 5.85
C ASP A 174 -7.45 8.26 5.43
N PHE A 175 -7.26 7.84 4.18
N PHE A 175 -7.25 8.15 4.13
CA PHE A 175 -5.97 7.73 3.52
CA PHE A 175 -6.02 7.70 3.50
C PHE A 175 -5.68 9.01 2.76
C PHE A 175 -5.58 8.83 2.59
N LYS A 176 -4.45 9.49 2.88
CA LYS A 176 -3.96 10.58 2.03
C LYS A 176 -2.54 10.26 1.63
N THR A 177 -2.30 10.15 0.34
CA THR A 177 -0.98 9.83 -0.19
C THR A 177 -0.49 10.95 -1.11
N THR A 178 0.81 11.23 -1.03
CA THR A 178 1.49 12.09 -1.98
C THR A 178 2.54 11.26 -2.71
N TYR A 179 2.46 11.25 -4.04
CA TYR A 179 3.34 10.51 -4.92
C TYR A 179 4.25 11.50 -5.63
N LYS A 180 5.56 11.25 -5.56
CA LYS A 180 6.58 12.18 -6.03
C LYS A 180 7.50 11.47 -7.00
N ALA A 181 7.33 11.75 -8.30
CA ALA A 181 8.25 11.20 -9.28
C ALA A 181 9.62 11.86 -9.14
N LYS A 182 10.67 11.09 -9.44
CA LYS A 182 12.03 11.60 -9.32
C LYS A 182 12.48 12.39 -10.55
N LYS A 183 11.63 12.51 -11.57
CA LYS A 183 11.85 13.39 -12.71
C LYS A 183 10.52 13.95 -13.13
N ASP A 184 10.55 14.96 -14.01
CA ASP A 184 9.31 15.54 -14.52
C ASP A 184 8.66 14.56 -15.50
N VAL A 185 7.35 14.38 -15.36
CA VAL A 185 6.57 13.53 -16.25
C VAL A 185 5.32 14.29 -16.70
N ARG A 186 4.63 13.72 -17.68
CA ARG A 186 3.34 14.28 -18.07
C ARG A 186 2.32 14.05 -16.96
N LEU A 187 1.81 15.14 -16.40
CA LEU A 187 0.89 15.09 -15.28
C LEU A 187 -0.52 14.79 -15.76
N PRO A 188 -1.22 13.85 -15.15
CA PRO A 188 -2.58 13.52 -15.59
C PRO A 188 -3.61 14.51 -15.04
N ASP A 189 -4.76 14.53 -15.71
CA ASP A 189 -5.94 15.15 -15.13
C ASP A 189 -6.45 14.30 -13.96
N ALA A 190 -7.36 14.87 -13.19
CA ALA A 190 -7.95 14.13 -12.08
C ALA A 190 -8.58 12.83 -12.59
N HIS A 191 -8.39 11.75 -11.83
CA HIS A 191 -8.95 10.47 -12.21
C HIS A 191 -9.11 9.63 -10.94
N GLU A 192 -9.42 8.35 -11.11
CA GLU A 192 -9.65 7.45 -9.98
C GLU A 192 -8.93 6.14 -10.25
N VAL A 193 -8.54 5.45 -9.17
CA VAL A 193 -7.94 4.12 -9.26
C VAL A 193 -8.75 3.20 -8.36
N ASP A 194 -9.37 2.19 -8.95
CA ASP A 194 -10.08 1.17 -8.20
C ASP A 194 -9.10 0.10 -7.73
N HIS A 195 -9.17 -0.22 -6.44
CA HIS A 195 -8.29 -1.18 -5.77
C HIS A 195 -9.08 -2.37 -5.26
N ARG A 196 -8.48 -3.56 -5.42
CA ARG A 196 -8.90 -4.76 -4.71
C ARG A 196 -7.67 -5.43 -4.12
N THR A 197 -7.68 -5.66 -2.82
CA THR A 197 -6.55 -6.21 -2.08
C THR A 197 -6.99 -7.50 -1.40
N GLU A 198 -6.18 -8.55 -1.51
CA GLU A 198 -6.57 -9.82 -0.91
C GLU A 198 -5.37 -10.57 -0.36
N ILE A 199 -5.47 -11.05 0.88
CA ILE A 199 -4.49 -11.99 1.40
C ILE A 199 -4.91 -13.37 0.90
N LEU A 200 -4.11 -13.92 -0.03
CA LEU A 200 -4.42 -15.22 -0.63
C LEU A 200 -4.11 -16.37 0.31
N SER A 201 -3.11 -16.22 1.17
CA SER A 201 -2.73 -17.29 2.08
C SER A 201 -1.81 -16.72 3.15
N HIS A 202 -1.71 -17.42 4.27
CA HIS A 202 -0.86 -17.00 5.37
C HIS A 202 -0.61 -18.20 6.28
N ASP A 203 0.52 -18.18 6.98
CA ASP A 203 0.75 -19.21 7.99
C ASP A 203 0.09 -18.77 9.30
N LYS A 204 0.28 -19.54 10.36
CA LYS A 204 -0.54 -19.40 11.56
C LYS A 204 -0.55 -17.96 12.09
N ASP A 205 0.63 -17.38 12.25
CA ASP A 205 0.75 -16.07 12.89
C ASP A 205 0.94 -14.94 11.88
N TYR A 206 0.77 -15.23 10.59
CA TYR A 206 1.06 -14.27 9.52
C TYR A 206 2.54 -13.93 9.44
N ASN A 207 3.41 -14.80 9.94
CA ASN A 207 4.84 -14.64 9.64
C ASN A 207 5.10 -14.77 8.15
N LYS A 208 4.26 -15.52 7.45
CA LYS A 208 4.33 -15.68 6.00
C LYS A 208 2.97 -15.32 5.42
N VAL A 209 2.96 -14.44 4.42
CA VAL A 209 1.74 -13.93 3.82
C VAL A 209 1.92 -13.85 2.31
N ARG A 210 0.91 -14.31 1.56
CA ARG A 210 0.85 -14.09 0.12
C ARG A 210 -0.25 -13.08 -0.15
N LEU A 211 0.11 -11.98 -0.80
CA LEU A 211 -0.74 -10.80 -0.91
C LEU A 211 -0.94 -10.45 -2.38
N TYR A 212 -2.18 -10.17 -2.76
CA TYR A 212 -2.54 -9.87 -4.13
C TYR A 212 -3.18 -8.49 -4.23
N GLU A 213 -2.83 -7.75 -5.27
CA GLU A 213 -3.57 -6.53 -5.59
C GLU A 213 -3.94 -6.51 -7.06
N HIS A 214 -5.16 -6.01 -7.33
CA HIS A 214 -5.62 -5.63 -8.66
C HIS A 214 -6.05 -4.17 -8.65
N ALA A 215 -5.50 -3.36 -9.56
CA ALA A 215 -5.79 -1.93 -9.57
C ALA A 215 -5.92 -1.41 -10.99
N GLU A 216 -6.95 -0.58 -11.22
CA GLU A 216 -7.17 -0.04 -12.56
C GLU A 216 -7.57 1.43 -12.50
N ALA A 217 -7.00 2.24 -13.40
CA ALA A 217 -7.30 3.67 -13.46
C ALA A 217 -8.46 3.94 -14.41
N ARG A 218 -9.28 4.93 -14.08
CA ARG A 218 -10.39 5.34 -14.94
C ARG A 218 -10.85 6.72 -14.53
N TYR A 219 -11.64 7.36 -15.40
CA TYR A 219 -12.33 8.59 -15.04
C TYR A 219 -13.63 8.29 -14.31
N SER A 220 -14.07 9.23 -13.48
CA SER A 220 -15.35 9.08 -12.80
C SER A 220 -16.48 9.18 -13.82
C1 GOL B . 8.64 11.59 -19.39
O1 GOL B . 8.07 12.10 -20.56
C2 GOL B . 9.52 10.37 -19.74
O2 GOL B . 10.83 10.65 -19.32
C3 GOL B . 9.03 9.11 -19.00
O3 GOL B . 10.03 8.18 -18.97
H11 GOL B . 7.95 11.34 -18.75
H12 GOL B . 9.17 12.27 -18.94
HO1 GOL B . 7.90 12.92 -20.39
H2 GOL B . 9.48 10.22 -20.69
HO2 GOL B . 10.94 11.50 -19.31
H31 GOL B . 8.74 9.31 -18.10
H32 GOL B . 8.24 8.73 -19.44
HO3 GOL B . 9.88 7.70 -18.28
#